data_6PG9
#
_entry.id   6PG9
#
_cell.length_a   46.915
_cell.length_b   61.493
_cell.length_c   64.757
_cell.angle_alpha   110.56
_cell.angle_beta   91.06
_cell.angle_gamma   112.38
#
_symmetry.space_group_name_H-M   'P 1'
#
loop_
_entity.id
_entity.type
_entity.pdbx_description
1 polymer 'WD repeat-containing protein 5'
2 non-polymer N-{4-[4-(hydroxymethyl)-1H-imidazol-2-yl]butyl}benzamide
3 water water
#
_entity_poly.entity_id   1
_entity_poly.type   'polypeptide(L)'
_entity_poly.pdbx_seq_one_letter_code
;GSATQSKPTPVKPNYALKFTLAGHTKAVSSVKFSPNGEWLASSSADKLIKIWGAYDGKFEKTISGHKLGISDVAWSSDSN
LLVSASDDKTLKIWDVSSGKCLKTLKGHSNYVFCCNFNPQSNLIVSGSFDESVRIWDVKTGKCLKTLPAHSDPVSAVHFN
RDGSLIVSSSYDGLCRIWDTASGQCLKTLIDDDNPPVSFVKFSPNGKYILAATLDNTLKLWDYSKGKCLKTYTGHKNEKY
CIFANFSVTGGKWIVSGSEDNLVYIWNLQTKEIVQKLQGHTDVVISTACHPTENIIASAALENDKTIKLWKSDC
;
_entity_poly.pdbx_strand_id   A,B
#
loop_
_chem_comp.id
_chem_comp.type
_chem_comp.name
_chem_comp.formula
OH1 non-polymer N-{4-[4-(hydroxymethyl)-1H-imidazol-2-yl]butyl}benzamide 'C15 H19 N3 O2'
#
# COMPACT_ATOMS: atom_id res chain seq x y z
N VAL A 11 14.17 5.50 24.70
CA VAL A 11 13.12 5.98 23.75
C VAL A 11 12.00 4.92 23.66
N LYS A 12 10.76 5.38 23.46
CA LYS A 12 9.59 4.53 23.22
C LYS A 12 8.92 4.91 21.90
N PRO A 13 8.23 3.95 21.22
CA PRO A 13 7.43 4.27 20.05
C PRO A 13 6.14 4.94 20.53
N ASN A 14 5.36 5.54 19.63
CA ASN A 14 4.06 6.20 19.97
C ASN A 14 3.02 5.77 18.92
N TYR A 15 2.89 4.47 18.73
CA TYR A 15 1.88 3.84 17.84
C TYR A 15 0.50 4.33 18.29
N ALA A 16 -0.25 4.91 17.36
CA ALA A 16 -1.65 5.34 17.54
C ALA A 16 -2.49 4.72 16.44
N LEU A 17 -3.75 4.44 16.75
CA LEU A 17 -4.74 3.86 15.82
C LEU A 17 -4.99 4.78 14.63
N LYS A 18 -4.91 4.26 13.41
CA LYS A 18 -5.20 5.00 12.16
C LYS A 18 -6.45 4.44 11.48
N PHE A 19 -6.60 3.11 11.46
CA PHE A 19 -7.69 2.43 10.74
C PHE A 19 -8.11 1.18 11.50
N THR A 20 -9.41 0.94 11.53
CA THR A 20 -10.03 -0.36 11.88
C THR A 20 -10.63 -0.97 10.60
N LEU A 21 -10.12 -2.14 10.20
CA LEU A 21 -10.53 -2.88 8.96
C LEU A 21 -11.58 -3.94 9.33
N ALA A 22 -12.86 -3.66 9.04
CA ALA A 22 -13.99 -4.59 9.28
C ALA A 22 -14.31 -5.35 8.00
N GLY A 23 -14.74 -6.60 8.14
CA GLY A 23 -15.23 -7.38 7.00
C GLY A 23 -15.27 -8.87 7.26
N HIS A 24 -14.30 -9.39 8.01
CA HIS A 24 -14.25 -10.83 8.36
C HIS A 24 -15.44 -11.12 9.27
N THR A 25 -16.07 -12.29 9.09
CA THR A 25 -17.32 -12.69 9.80
C THR A 25 -16.99 -13.68 10.91
N LYS A 26 -15.74 -14.12 10.97
CA LYS A 26 -15.23 -14.95 12.08
C LYS A 26 -13.85 -14.44 12.51
N ALA A 27 -13.25 -15.11 13.49
CA ALA A 27 -11.90 -14.85 14.01
C ALA A 27 -10.95 -14.62 12.83
N VAL A 28 -10.12 -13.60 12.91
CA VAL A 28 -8.97 -13.47 11.98
C VAL A 28 -7.93 -14.43 12.52
N SER A 29 -7.06 -15.00 11.68
CA SER A 29 -5.97 -15.92 12.12
C SER A 29 -4.60 -15.29 11.86
N SER A 30 -4.43 -14.50 10.79
CA SER A 30 -3.08 -14.06 10.37
C SER A 30 -3.20 -12.82 9.51
N VAL A 31 -2.36 -11.83 9.78
CA VAL A 31 -2.18 -10.70 8.83
C VAL A 31 -0.73 -10.61 8.41
N LYS A 32 -0.49 -10.21 7.18
CA LYS A 32 0.89 -10.08 6.66
C LYS A 32 0.94 -8.95 5.63
N PHE A 33 1.92 -8.06 5.76
CA PHE A 33 2.20 -7.01 4.75
C PHE A 33 2.90 -7.66 3.56
N SER A 34 2.51 -7.23 2.35
CA SER A 34 3.24 -7.57 1.11
C SER A 34 4.66 -7.04 1.25
N PRO A 35 5.66 -7.77 0.72
CA PRO A 35 7.05 -7.32 0.70
C PRO A 35 7.25 -5.93 0.09
N ASN A 36 6.42 -5.56 -0.90
CA ASN A 36 6.51 -4.22 -1.55
C ASN A 36 5.85 -3.14 -0.67
N GLY A 37 5.25 -3.53 0.47
CA GLY A 37 4.62 -2.63 1.45
C GLY A 37 3.24 -2.14 1.04
N GLU A 38 2.72 -2.57 -0.11
CA GLU A 38 1.49 -2.00 -0.73
C GLU A 38 0.24 -2.53 -0.04
N TRP A 39 0.27 -3.82 0.31
CA TRP A 39 -0.95 -4.56 0.73
C TRP A 39 -0.78 -5.14 2.13
N LEU A 40 -1.91 -5.28 2.81
CA LEU A 40 -2.06 -6.23 3.94
C LEU A 40 -2.97 -7.34 3.47
N ALA A 41 -2.55 -8.61 3.65
CA ALA A 41 -3.42 -9.79 3.46
C ALA A 41 -3.87 -10.28 4.82
N SER A 42 -5.14 -10.67 4.93
CA SER A 42 -5.70 -11.27 6.17
C SER A 42 -6.34 -12.59 5.83
N SER A 43 -6.18 -13.55 6.73
CA SER A 43 -6.84 -14.86 6.66
C SER A 43 -7.77 -14.96 7.85
N SER A 44 -8.76 -15.84 7.75
CA SER A 44 -9.80 -15.93 8.79
C SER A 44 -10.42 -17.32 8.83
N ALA A 45 -10.98 -17.68 9.99
CA ALA A 45 -11.85 -18.86 10.23
C ALA A 45 -13.02 -18.84 9.25
N ASP A 46 -13.34 -17.66 8.67
CA ASP A 46 -14.48 -17.50 7.73
C ASP A 46 -14.12 -18.03 6.34
N LYS A 47 -12.94 -18.67 6.18
CA LYS A 47 -12.47 -19.37 4.95
C LYS A 47 -12.02 -18.36 3.89
N LEU A 48 -11.91 -17.08 4.24
CA LEU A 48 -11.61 -16.04 3.23
C LEU A 48 -10.23 -15.45 3.49
N ILE A 49 -9.63 -14.96 2.42
CA ILE A 49 -8.46 -14.05 2.41
C ILE A 49 -8.98 -12.68 2.00
N LYS A 50 -8.64 -11.63 2.72
CA LYS A 50 -8.95 -10.26 2.31
C LYS A 50 -7.66 -9.46 2.08
N ILE A 51 -7.69 -8.59 1.09
CA ILE A 51 -6.55 -7.73 0.69
C ILE A 51 -6.98 -6.29 0.98
N TRP A 52 -6.10 -5.55 1.67
CA TRP A 52 -6.38 -4.16 2.09
C TRP A 52 -5.19 -3.28 1.73
N GLY A 53 -5.46 -2.04 1.36
CA GLY A 53 -4.42 -1.01 1.23
C GLY A 53 -3.67 -0.79 2.54
N ALA A 54 -2.35 -0.95 2.53
CA ALA A 54 -1.50 -0.87 3.74
C ALA A 54 -1.56 0.54 4.35
N TYR A 55 -1.75 1.59 3.54
CA TYR A 55 -1.51 3.02 3.93
C TYR A 55 -2.85 3.74 4.15
N ASP A 56 -3.91 3.35 3.44
CA ASP A 56 -5.24 4.02 3.56
C ASP A 56 -6.27 3.07 4.17
N GLY A 57 -5.90 1.82 4.43
CA GLY A 57 -6.77 0.77 5.02
C GLY A 57 -7.91 0.34 4.12
N LYS A 58 -7.91 0.71 2.84
CA LYS A 58 -9.07 0.54 1.94
C LYS A 58 -9.18 -0.93 1.51
N PHE A 59 -10.34 -1.54 1.75
CA PHE A 59 -10.66 -2.91 1.29
C PHE A 59 -10.46 -3.00 -0.22
N GLU A 60 -9.64 -3.96 -0.66
CA GLU A 60 -9.33 -4.16 -2.09
C GLU A 60 -10.17 -5.31 -2.65
N LYS A 61 -10.11 -6.52 -2.08
CA LYS A 61 -10.80 -7.70 -2.63
C LYS A 61 -10.84 -8.86 -1.63
N THR A 62 -11.76 -9.79 -1.87
CA THR A 62 -11.91 -11.08 -1.15
C THR A 62 -11.41 -12.18 -2.06
N ILE A 63 -10.57 -13.08 -1.55
CA ILE A 63 -10.11 -14.28 -2.27
C ILE A 63 -10.75 -15.48 -1.56
N SER A 64 -11.53 -16.29 -2.30
N SER A 64 -11.53 -16.29 -2.30
CA SER A 64 -12.33 -17.43 -1.79
CA SER A 64 -12.32 -17.44 -1.78
C SER A 64 -11.95 -18.72 -2.51
C SER A 64 -11.94 -18.72 -2.51
N GLY A 65 -12.13 -19.87 -1.85
CA GLY A 65 -11.98 -21.20 -2.46
C GLY A 65 -11.77 -22.27 -1.42
N HIS A 66 -11.17 -21.95 -0.27
CA HIS A 66 -10.99 -22.94 0.81
C HIS A 66 -12.36 -23.38 1.33
N LYS A 67 -12.46 -24.63 1.73
CA LYS A 67 -13.76 -25.26 2.13
C LYS A 67 -13.91 -25.20 3.64
N LEU A 68 -12.84 -24.83 4.35
CA LEU A 68 -12.83 -24.62 5.82
C LEU A 68 -11.90 -23.44 6.16
N GLY A 69 -11.87 -23.09 7.45
CA GLY A 69 -11.17 -21.87 7.92
C GLY A 69 -9.70 -21.92 7.54
N ILE A 70 -9.11 -20.72 7.42
CA ILE A 70 -7.68 -20.51 7.07
C ILE A 70 -6.97 -20.10 8.35
N SER A 71 -5.82 -20.74 8.66
CA SER A 71 -4.98 -20.47 9.86
C SER A 71 -3.82 -19.51 9.53
N ASP A 72 -3.37 -19.44 8.28
CA ASP A 72 -2.14 -18.68 7.96
C ASP A 72 -2.13 -18.28 6.49
N VAL A 73 -1.51 -17.15 6.18
N VAL A 73 -1.51 -17.15 6.18
CA VAL A 73 -1.27 -16.71 4.77
CA VAL A 73 -1.28 -16.71 4.77
C VAL A 73 0.13 -16.14 4.69
C VAL A 73 0.14 -16.14 4.69
N ALA A 74 0.75 -16.21 3.51
CA ALA A 74 2.14 -15.72 3.29
C ALA A 74 2.28 -15.24 1.86
N TRP A 75 3.11 -14.20 1.67
CA TRP A 75 3.39 -13.53 0.38
C TRP A 75 4.63 -14.11 -0.29
N SER A 76 4.61 -14.22 -1.59
CA SER A 76 5.83 -14.44 -2.42
C SER A 76 6.64 -13.15 -2.38
N SER A 77 7.93 -13.24 -2.67
N SER A 77 7.93 -13.24 -2.67
CA SER A 77 8.91 -12.14 -2.57
CA SER A 77 8.91 -12.13 -2.54
C SER A 77 8.53 -10.97 -3.50
C SER A 77 8.53 -10.97 -3.50
N ASP A 78 7.93 -11.27 -4.65
CA ASP A 78 7.56 -10.25 -5.68
C ASP A 78 6.21 -9.59 -5.35
N SER A 79 5.55 -9.99 -4.24
CA SER A 79 4.20 -9.54 -3.83
C SER A 79 3.08 -9.99 -4.79
N ASN A 80 3.35 -10.92 -5.69
CA ASN A 80 2.35 -11.31 -6.73
C ASN A 80 1.49 -12.48 -6.27
N LEU A 81 2.03 -13.38 -5.44
CA LEU A 81 1.32 -14.63 -5.00
C LEU A 81 1.09 -14.64 -3.49
N LEU A 82 0.03 -15.35 -3.09
CA LEU A 82 -0.24 -15.69 -1.69
C LEU A 82 -0.23 -17.21 -1.58
N VAL A 83 0.18 -17.74 -0.45
CA VAL A 83 -0.17 -19.12 -0.08
C VAL A 83 -1.03 -19.05 1.18
N SER A 84 -2.02 -19.91 1.28
CA SER A 84 -2.89 -20.03 2.48
C SER A 84 -2.84 -21.45 3.00
N ALA A 85 -2.99 -21.64 4.31
CA ALA A 85 -2.98 -22.95 5.00
C ALA A 85 -4.34 -23.13 5.66
N SER A 86 -5.01 -24.25 5.38
CA SER A 86 -6.45 -24.43 5.71
C SER A 86 -6.70 -25.67 6.53
N ASP A 87 -7.79 -25.62 7.30
CA ASP A 87 -8.33 -26.79 8.02
C ASP A 87 -8.85 -27.82 7.01
N ASP A 88 -9.03 -27.47 5.73
CA ASP A 88 -9.45 -28.44 4.67
C ASP A 88 -8.25 -29.35 4.29
N LYS A 89 -7.10 -29.24 4.99
CA LYS A 89 -5.88 -30.11 4.86
C LYS A 89 -5.08 -29.71 3.63
N THR A 90 -5.47 -28.63 2.96
CA THR A 90 -4.74 -28.13 1.76
C THR A 90 -4.10 -26.79 2.03
N LEU A 91 -3.09 -26.50 1.22
CA LEU A 91 -2.63 -25.12 0.94
C LEU A 91 -3.12 -24.74 -0.45
N LYS A 92 -3.34 -23.46 -0.67
CA LYS A 92 -3.67 -22.93 -1.99
C LYS A 92 -2.71 -21.80 -2.31
N ILE A 93 -2.19 -21.82 -3.53
CA ILE A 93 -1.39 -20.71 -4.10
C ILE A 93 -2.32 -19.84 -4.93
N TRP A 94 -2.31 -18.55 -4.65
CA TRP A 94 -3.20 -17.53 -5.26
C TRP A 94 -2.41 -16.53 -6.08
N ASP A 95 -2.93 -16.22 -7.27
CA ASP A 95 -2.57 -14.99 -8.03
C ASP A 95 -3.41 -13.84 -7.45
N VAL A 96 -2.75 -12.91 -6.77
CA VAL A 96 -3.43 -11.83 -6.00
C VAL A 96 -4.17 -10.92 -6.97
N SER A 97 -3.56 -10.62 -8.12
CA SER A 97 -4.11 -9.69 -9.15
C SER A 97 -5.44 -10.24 -9.69
N SER A 98 -5.50 -11.54 -10.00
CA SER A 98 -6.71 -12.19 -10.57
C SER A 98 -7.63 -12.74 -9.46
N GLY A 99 -7.09 -13.04 -8.27
CA GLY A 99 -7.82 -13.71 -7.17
C GLY A 99 -8.00 -15.20 -7.43
N LYS A 100 -7.34 -15.73 -8.45
CA LYS A 100 -7.49 -17.13 -8.93
C LYS A 100 -6.56 -18.05 -8.15
N CYS A 101 -7.08 -19.23 -7.79
CA CYS A 101 -6.29 -20.35 -7.22
C CYS A 101 -5.46 -21.00 -8.33
N LEU A 102 -4.14 -20.91 -8.24
CA LEU A 102 -3.21 -21.45 -9.26
C LEU A 102 -2.98 -22.94 -8.98
N LYS A 103 -2.79 -23.30 -7.72
CA LYS A 103 -2.59 -24.70 -7.30
C LYS A 103 -3.26 -24.96 -5.96
N THR A 104 -3.67 -26.21 -5.74
CA THR A 104 -4.02 -26.77 -4.42
C THR A 104 -2.94 -27.79 -4.05
N LEU A 105 -2.27 -27.54 -2.93
CA LEU A 105 -1.19 -28.41 -2.40
C LEU A 105 -1.85 -29.48 -1.52
N LYS A 106 -1.87 -30.72 -1.99
CA LYS A 106 -2.54 -31.86 -1.31
C LYS A 106 -1.48 -32.82 -0.79
N GLY A 107 -1.67 -33.31 0.43
CA GLY A 107 -0.75 -34.28 1.05
C GLY A 107 -0.89 -34.35 2.55
N HIS A 108 -1.02 -33.22 3.26
CA HIS A 108 -1.18 -33.23 4.73
C HIS A 108 -2.43 -34.05 5.08
N SER A 109 -2.41 -34.76 6.20
CA SER A 109 -3.50 -35.66 6.66
C SER A 109 -4.31 -35.01 7.79
N ASN A 110 -4.09 -33.72 8.07
CA ASN A 110 -4.86 -32.97 9.10
C ASN A 110 -4.73 -31.48 8.78
N TYR A 111 -5.29 -30.61 9.62
CA TYR A 111 -5.28 -29.14 9.39
C TYR A 111 -3.86 -28.69 9.03
N VAL A 112 -3.76 -27.84 8.01
CA VAL A 112 -2.49 -27.09 7.75
C VAL A 112 -2.59 -25.79 8.54
N PHE A 113 -1.59 -25.53 9.37
CA PHE A 113 -1.64 -24.46 10.40
C PHE A 113 -0.84 -23.24 9.96
N CYS A 114 0.29 -23.46 9.30
CA CYS A 114 1.34 -22.45 9.08
C CYS A 114 2.00 -22.67 7.73
N CYS A 115 2.39 -21.59 7.08
CA CYS A 115 3.02 -21.66 5.74
C CYS A 115 3.92 -20.45 5.53
N ASN A 116 4.91 -20.57 4.65
CA ASN A 116 5.81 -19.45 4.24
C ASN A 116 6.44 -19.79 2.88
N PHE A 117 6.65 -18.78 2.04
CA PHE A 117 7.52 -18.87 0.84
C PHE A 117 8.97 -18.74 1.30
N ASN A 118 9.91 -19.37 0.57
CA ASN A 118 11.35 -19.07 0.69
C ASN A 118 11.59 -17.73 -0.02
N PRO A 119 12.72 -17.03 0.25
CA PRO A 119 13.08 -15.82 -0.49
C PRO A 119 12.99 -15.90 -2.01
N GLN A 120 13.52 -16.95 -2.63
CA GLN A 120 13.40 -17.18 -4.09
C GLN A 120 11.92 -17.29 -4.49
N SER A 121 11.10 -17.88 -3.60
CA SER A 121 9.64 -18.09 -3.75
C SER A 121 9.36 -19.19 -4.77
N ASN A 122 10.34 -20.09 -4.97
CA ASN A 122 10.18 -21.33 -5.75
C ASN A 122 9.67 -22.42 -4.82
N LEU A 123 9.80 -22.25 -3.49
CA LEU A 123 9.34 -23.26 -2.50
C LEU A 123 8.34 -22.64 -1.52
N ILE A 124 7.49 -23.50 -0.98
CA ILE A 124 6.60 -23.19 0.16
C ILE A 124 6.90 -24.23 1.22
N VAL A 125 6.96 -23.81 2.48
CA VAL A 125 7.02 -24.71 3.65
C VAL A 125 5.70 -24.59 4.41
N SER A 126 5.25 -25.73 4.92
CA SER A 126 3.97 -25.83 5.64
C SER A 126 4.18 -26.67 6.89
N GLY A 127 3.43 -26.35 7.94
CA GLY A 127 3.36 -27.13 9.18
C GLY A 127 1.94 -27.56 9.42
N SER A 128 1.74 -28.78 9.92
CA SER A 128 0.38 -29.33 10.08
C SER A 128 0.19 -29.94 11.47
N PHE A 129 -1.06 -30.04 11.89
CA PHE A 129 -1.48 -30.86 13.05
C PHE A 129 -1.06 -32.32 12.87
N ASP A 130 -0.78 -32.74 11.64
CA ASP A 130 -0.34 -34.13 11.32
C ASP A 130 1.12 -34.36 11.77
N GLU A 131 1.76 -33.32 12.31
CA GLU A 131 3.06 -33.29 13.02
C GLU A 131 4.20 -33.29 12.00
N SER A 132 3.88 -33.09 10.73
CA SER A 132 4.88 -33.05 9.63
C SER A 132 5.11 -31.61 9.19
N VAL A 133 6.26 -31.40 8.60
CA VAL A 133 6.60 -30.17 7.83
C VAL A 133 6.74 -30.63 6.38
N ARG A 134 6.08 -29.94 5.45
CA ARG A 134 6.23 -30.27 4.02
C ARG A 134 6.85 -29.10 3.26
N ILE A 135 7.68 -29.44 2.28
CA ILE A 135 8.31 -28.51 1.32
C ILE A 135 7.70 -28.79 -0.06
N TRP A 136 7.15 -27.76 -0.69
CA TRP A 136 6.34 -27.84 -1.93
C TRP A 136 7.02 -27.04 -3.04
N ASP A 137 6.91 -27.55 -4.26
CA ASP A 137 7.33 -26.83 -5.49
C ASP A 137 6.20 -25.89 -5.91
N VAL A 138 6.44 -24.59 -5.93
CA VAL A 138 5.41 -23.54 -6.28
C VAL A 138 4.93 -23.78 -7.72
N LYS A 139 5.84 -24.11 -8.63
CA LYS A 139 5.56 -24.20 -10.09
C LYS A 139 4.60 -25.35 -10.35
N THR A 140 4.90 -26.56 -9.86
CA THR A 140 4.16 -27.81 -10.13
C THR A 140 3.05 -28.02 -9.10
N GLY A 141 3.19 -27.45 -7.90
CA GLY A 141 2.27 -27.67 -6.77
C GLY A 141 2.53 -29.02 -6.12
N LYS A 142 3.64 -29.68 -6.46
CA LYS A 142 3.99 -31.02 -5.93
C LYS A 142 4.75 -30.87 -4.61
N CYS A 143 4.49 -31.77 -3.68
CA CYS A 143 5.30 -31.92 -2.46
C CYS A 143 6.67 -32.48 -2.84
N LEU A 144 7.75 -31.81 -2.47
CA LEU A 144 9.14 -32.29 -2.73
C LEU A 144 9.62 -33.17 -1.58
N LYS A 145 9.30 -32.79 -0.34
CA LYS A 145 9.74 -33.54 0.87
C LYS A 145 8.67 -33.47 1.96
N THR A 146 8.55 -34.53 2.74
CA THR A 146 7.80 -34.59 4.01
C THR A 146 8.82 -34.80 5.13
N LEU A 147 8.97 -33.83 6.04
CA LEU A 147 9.86 -33.97 7.20
C LEU A 147 9.04 -34.51 8.36
N PRO A 148 9.47 -35.63 8.99
CA PRO A 148 8.78 -36.18 10.16
C PRO A 148 9.25 -35.36 11.37
N ALA A 149 8.82 -34.09 11.42
CA ALA A 149 9.52 -33.00 12.12
C ALA A 149 9.30 -33.03 13.63
N HIS A 150 8.10 -33.41 14.07
CA HIS A 150 7.62 -33.23 15.46
C HIS A 150 6.72 -34.41 15.87
N SER A 151 6.39 -34.47 17.14
CA SER A 151 5.49 -35.50 17.71
C SER A 151 4.24 -34.83 18.28
N ASP A 152 3.92 -33.62 17.80
CA ASP A 152 2.65 -32.92 18.16
C ASP A 152 2.43 -31.88 17.07
N PRO A 153 1.27 -31.16 17.04
CA PRO A 153 1.02 -30.18 16.00
C PRO A 153 2.16 -29.16 15.80
N VAL A 154 2.41 -28.82 14.54
CA VAL A 154 3.45 -27.84 14.15
C VAL A 154 2.78 -26.46 14.16
N SER A 155 3.31 -25.53 14.95
CA SER A 155 2.72 -24.21 15.25
C SER A 155 3.29 -23.15 14.31
N ALA A 156 4.50 -23.36 13.80
CA ALA A 156 5.13 -22.37 12.90
C ALA A 156 6.24 -23.00 12.07
N VAL A 157 6.47 -22.38 10.91
CA VAL A 157 7.54 -22.74 9.93
C VAL A 157 8.01 -21.44 9.28
N HIS A 158 9.30 -21.33 9.07
CA HIS A 158 9.91 -20.07 8.56
C HIS A 158 11.20 -20.46 7.87
N PHE A 159 11.48 -19.82 6.75
CA PHE A 159 12.79 -19.87 6.09
C PHE A 159 13.63 -18.72 6.62
N ASN A 160 14.95 -18.95 6.68
CA ASN A 160 15.94 -17.89 6.97
C ASN A 160 16.08 -17.04 5.70
N ARG A 161 16.95 -16.05 5.79
CA ARG A 161 17.06 -14.88 4.87
C ARG A 161 17.40 -15.36 3.46
N ASP A 162 18.15 -16.45 3.30
CA ASP A 162 18.55 -16.93 1.97
C ASP A 162 17.84 -18.25 1.61
N GLY A 163 16.98 -18.76 2.49
CA GLY A 163 16.16 -19.97 2.21
C GLY A 163 16.90 -21.28 2.45
N SER A 164 18.15 -21.26 2.94
CA SER A 164 18.98 -22.48 3.13
C SER A 164 18.49 -23.30 4.33
N LEU A 165 17.75 -22.68 5.24
CA LEU A 165 17.30 -23.30 6.51
C LEU A 165 15.79 -23.07 6.67
N ILE A 166 15.18 -24.03 7.36
CA ILE A 166 13.80 -23.91 7.89
C ILE A 166 13.88 -24.03 9.40
N VAL A 167 13.12 -23.21 10.10
CA VAL A 167 12.88 -23.46 11.54
C VAL A 167 11.43 -23.87 11.73
N SER A 168 11.16 -24.83 12.61
CA SER A 168 9.79 -25.21 12.99
C SER A 168 9.68 -25.26 14.49
N SER A 169 8.45 -25.15 14.96
CA SER A 169 8.06 -25.21 16.39
C SER A 169 6.84 -26.09 16.50
N SER A 170 6.66 -26.68 17.67
CA SER A 170 5.60 -27.67 17.91
C SER A 170 5.15 -27.62 19.35
N TYR A 171 3.92 -28.03 19.58
CA TYR A 171 3.38 -28.31 20.92
C TYR A 171 4.15 -29.44 21.59
N ASP A 172 5.10 -30.11 20.91
CA ASP A 172 5.97 -31.12 21.59
C ASP A 172 7.05 -30.44 22.43
N GLY A 173 7.23 -29.13 22.28
CA GLY A 173 8.15 -28.32 23.11
C GLY A 173 9.49 -28.08 22.44
N LEU A 174 9.63 -28.53 21.20
CA LEU A 174 10.90 -28.44 20.45
C LEU A 174 10.80 -27.32 19.41
N CYS A 175 11.92 -26.65 19.20
N CYS A 175 11.93 -26.69 19.18
CA CYS A 175 12.27 -25.93 17.95
CA CYS A 175 12.26 -25.91 17.97
C CYS A 175 13.32 -26.72 17.18
C CYS A 175 13.33 -26.69 17.19
N ARG A 176 13.10 -26.96 15.89
CA ARG A 176 14.08 -27.68 15.06
C ARG A 176 14.46 -26.83 13.85
N ILE A 177 15.72 -26.95 13.47
CA ILE A 177 16.30 -26.23 12.32
C ILE A 177 16.66 -27.31 11.31
N TRP A 178 16.24 -27.09 10.07
CA TRP A 178 16.32 -28.08 8.98
C TRP A 178 17.14 -27.49 7.85
N ASP A 179 18.02 -28.29 7.27
CA ASP A 179 18.64 -28.02 5.97
C ASP A 179 17.57 -28.16 4.87
N THR A 180 17.21 -27.06 4.19
CA THR A 180 16.17 -27.07 3.14
C THR A 180 16.51 -28.05 2.01
N ALA A 181 17.75 -28.03 1.52
CA ALA A 181 18.15 -28.83 0.33
C ALA A 181 17.94 -30.33 0.60
N SER A 182 18.26 -30.80 1.82
CA SER A 182 18.33 -32.24 2.18
C SER A 182 17.14 -32.66 3.04
N GLY A 183 16.48 -31.71 3.71
CA GLY A 183 15.43 -31.99 4.71
C GLY A 183 15.98 -32.62 5.98
N GLN A 184 17.31 -32.63 6.17
CA GLN A 184 17.93 -33.24 7.38
C GLN A 184 17.91 -32.21 8.51
N CYS A 185 17.72 -32.65 9.76
CA CYS A 185 17.69 -31.80 10.97
C CYS A 185 19.11 -31.40 11.32
N LEU A 186 19.40 -30.10 11.40
CA LEU A 186 20.72 -29.57 11.80
C LEU A 186 20.80 -29.40 13.31
N LYS A 187 19.71 -29.01 13.97
CA LYS A 187 19.75 -28.56 15.38
C LYS A 187 18.36 -28.64 16.01
N THR A 188 18.31 -29.08 17.27
CA THR A 188 17.11 -29.05 18.12
C THR A 188 17.40 -28.10 19.29
N LEU A 189 16.60 -27.04 19.44
CA LEU A 189 16.65 -26.12 20.61
C LEU A 189 15.70 -26.64 21.69
N ILE A 190 16.28 -27.17 22.76
CA ILE A 190 15.58 -27.60 24.00
C ILE A 190 16.08 -26.71 25.14
N ASP A 191 15.23 -26.43 26.14
CA ASP A 191 15.66 -25.86 27.44
C ASP A 191 15.86 -27.05 28.39
N ASP A 192 15.47 -26.94 29.67
CA ASP A 192 15.44 -28.08 30.62
C ASP A 192 13.98 -28.54 30.75
N ASP A 193 13.04 -27.58 30.83
CA ASP A 193 11.58 -27.81 30.70
C ASP A 193 11.25 -27.91 29.20
N ASN A 194 9.99 -28.13 28.83
CA ASN A 194 9.55 -28.10 27.41
C ASN A 194 8.08 -27.70 27.34
N PRO A 195 7.75 -26.42 27.61
CA PRO A 195 6.39 -25.94 27.39
C PRO A 195 6.13 -25.88 25.88
N PRO A 196 4.86 -25.96 25.43
CA PRO A 196 4.58 -25.95 24.00
C PRO A 196 5.19 -24.70 23.37
N VAL A 197 5.86 -24.89 22.22
CA VAL A 197 6.41 -23.75 21.42
C VAL A 197 5.33 -23.36 20.41
N SER A 198 4.78 -22.18 20.55
CA SER A 198 3.55 -21.73 19.83
C SER A 198 3.94 -20.91 18.61
N PHE A 199 5.18 -20.48 18.50
CA PHE A 199 5.64 -19.62 17.37
C PHE A 199 7.15 -19.60 17.30
N VAL A 200 7.69 -19.53 16.09
N VAL A 200 7.69 -19.54 16.09
CA VAL A 200 9.15 -19.36 15.85
CA VAL A 200 9.15 -19.32 15.86
C VAL A 200 9.32 -18.60 14.53
C VAL A 200 9.32 -18.60 14.53
N LYS A 201 10.37 -17.78 14.46
CA LYS A 201 10.85 -17.22 13.19
C LYS A 201 12.29 -16.77 13.38
N PHE A 202 13.01 -16.71 12.28
CA PHE A 202 14.38 -16.18 12.19
C PHE A 202 14.35 -14.66 12.29
N SER A 203 15.40 -14.08 12.90
CA SER A 203 15.72 -12.63 12.88
C SER A 203 16.04 -12.24 11.44
N PRO A 204 15.81 -10.99 11.02
CA PRO A 204 16.12 -10.56 9.66
C PRO A 204 17.50 -11.01 9.15
N ASN A 205 18.52 -11.07 10.01
CA ASN A 205 19.90 -11.41 9.60
C ASN A 205 20.12 -12.93 9.66
N GLY A 206 19.15 -13.67 10.19
CA GLY A 206 19.15 -15.15 10.21
C GLY A 206 20.04 -15.77 11.30
N LYS A 207 20.61 -14.96 12.21
CA LYS A 207 21.53 -15.47 13.26
C LYS A 207 20.72 -15.94 14.48
N TYR A 208 19.56 -15.32 14.72
CA TYR A 208 18.72 -15.57 15.92
C TYR A 208 17.38 -16.17 15.52
N ILE A 209 16.74 -16.79 16.50
CA ILE A 209 15.35 -17.29 16.41
C ILE A 209 14.56 -16.68 17.56
N LEU A 210 13.43 -16.05 17.26
CA LEU A 210 12.43 -15.59 18.25
C LEU A 210 11.43 -16.73 18.45
N ALA A 211 11.27 -17.24 19.67
CA ALA A 211 10.36 -18.37 19.99
C ALA A 211 9.38 -17.96 21.09
N ALA A 212 8.09 -18.22 20.88
CA ALA A 212 7.02 -18.04 21.89
C ALA A 212 6.71 -19.40 22.52
N THR A 213 6.53 -19.43 23.83
CA THR A 213 6.10 -20.63 24.58
C THR A 213 4.79 -20.31 25.32
N LEU A 214 3.98 -21.32 25.59
CA LEU A 214 2.63 -21.16 26.17
C LEU A 214 2.72 -21.09 27.70
N ASP A 215 3.75 -20.38 28.18
CA ASP A 215 4.02 -20.00 29.58
C ASP A 215 4.24 -18.48 29.64
N ASN A 216 3.60 -17.72 28.75
CA ASN A 216 3.61 -16.23 28.74
C ASN A 216 5.05 -15.72 28.54
N THR A 217 5.85 -16.36 27.70
CA THR A 217 7.29 -16.03 27.54
C THR A 217 7.67 -16.03 26.05
N LEU A 218 8.40 -14.99 25.64
CA LEU A 218 9.10 -14.92 24.33
C LEU A 218 10.60 -15.02 24.62
N LYS A 219 11.34 -15.75 23.80
CA LYS A 219 12.80 -15.87 23.95
C LYS A 219 13.49 -15.66 22.61
N LEU A 220 14.59 -14.93 22.66
CA LEU A 220 15.53 -14.73 21.52
C LEU A 220 16.69 -15.72 21.70
N TRP A 221 16.89 -16.62 20.73
CA TRP A 221 17.91 -17.70 20.74
C TRP A 221 19.03 -17.38 19.75
N ASP A 222 20.28 -17.59 20.14
CA ASP A 222 21.41 -17.58 19.20
C ASP A 222 21.39 -18.94 18.51
N TYR A 223 21.09 -18.96 17.21
CA TYR A 223 20.98 -20.20 16.40
C TYR A 223 22.32 -20.95 16.45
N SER A 224 23.42 -20.29 16.07
CA SER A 224 24.78 -20.91 15.93
C SER A 224 25.24 -21.57 17.25
N LYS A 225 24.99 -20.93 18.40
CA LYS A 225 25.47 -21.39 19.73
C LYS A 225 24.41 -22.26 20.42
N GLY A 226 23.14 -22.05 20.11
CA GLY A 226 22.00 -22.76 20.73
C GLY A 226 21.69 -22.23 22.12
N LYS A 227 21.91 -20.93 22.35
CA LYS A 227 21.78 -20.27 23.69
C LYS A 227 20.63 -19.26 23.68
N CYS A 228 19.95 -19.07 24.82
CA CYS A 228 18.94 -17.99 25.05
C CYS A 228 19.65 -16.69 25.42
N LEU A 229 19.50 -15.64 24.60
CA LEU A 229 20.13 -14.31 24.79
C LEU A 229 19.18 -13.35 25.54
N LYS A 230 17.87 -13.44 25.27
CA LYS A 230 16.86 -12.48 25.78
C LYS A 230 15.54 -13.20 26.09
N THR A 231 14.85 -12.72 27.12
CA THR A 231 13.49 -13.16 27.49
C THR A 231 12.59 -11.91 27.56
N TYR A 232 11.40 -11.97 26.96
CA TYR A 232 10.38 -10.89 26.99
C TYR A 232 9.14 -11.44 27.69
N THR A 233 8.70 -10.78 28.77
CA THR A 233 7.54 -11.23 29.60
C THR A 233 6.61 -10.05 29.90
N GLY A 234 5.52 -10.29 30.62
CA GLY A 234 4.53 -9.28 31.02
C GLY A 234 3.24 -9.36 30.22
N HIS A 235 3.23 -10.11 29.10
CA HIS A 235 2.03 -10.36 28.27
C HIS A 235 1.39 -11.69 28.69
N LYS A 236 0.30 -12.07 28.03
CA LYS A 236 -0.51 -13.26 28.36
C LYS A 236 -0.52 -14.19 27.15
N ASN A 237 0.06 -15.38 27.27
CA ASN A 237 0.12 -16.34 26.15
C ASN A 237 0.23 -17.75 26.71
N GLU A 238 -0.91 -18.41 26.91
CA GLU A 238 -0.97 -19.79 27.47
C GLU A 238 -1.82 -20.72 26.58
N LYS A 239 -2.51 -20.20 25.55
CA LYS A 239 -3.54 -20.97 24.79
C LYS A 239 -3.31 -20.90 23.27
N TYR A 240 -3.09 -19.71 22.72
CA TYR A 240 -3.11 -19.46 21.26
C TYR A 240 -1.70 -19.38 20.68
N CYS A 241 -1.60 -19.70 19.39
CA CYS A 241 -0.35 -19.55 18.61
C CYS A 241 -0.29 -18.11 18.08
N ILE A 242 0.18 -17.20 18.93
CA ILE A 242 0.24 -15.74 18.64
C ILE A 242 1.56 -15.48 17.92
N PHE A 243 1.47 -14.76 16.82
CA PHE A 243 2.65 -14.34 16.02
C PHE A 243 3.46 -13.30 16.82
N ALA A 244 4.76 -13.27 16.60
CA ALA A 244 5.65 -12.22 17.13
C ALA A 244 6.54 -11.73 15.99
N ASN A 245 7.06 -10.53 16.12
CA ASN A 245 7.78 -9.86 15.02
C ASN A 245 9.00 -9.13 15.57
N PHE A 246 10.01 -8.99 14.70
CA PHE A 246 11.08 -7.99 14.80
C PHE A 246 10.61 -6.75 14.07
N SER A 247 10.47 -5.62 14.78
CA SER A 247 10.22 -4.29 14.18
C SER A 247 11.59 -3.65 13.98
N VAL A 248 11.93 -3.26 12.75
CA VAL A 248 13.31 -2.80 12.37
C VAL A 248 13.27 -1.45 11.65
N THR A 249 12.09 -0.85 11.45
CA THR A 249 11.95 0.36 10.59
C THR A 249 12.37 1.61 11.36
N GLY A 250 12.04 1.68 12.64
CA GLY A 250 12.52 2.72 13.58
C GLY A 250 13.38 2.08 14.65
N GLY A 251 12.94 2.12 15.91
CA GLY A 251 13.62 1.43 17.02
C GLY A 251 13.62 -0.07 16.79
N LYS A 252 14.59 -0.80 17.35
CA LYS A 252 14.62 -2.28 17.29
C LYS A 252 13.72 -2.78 18.43
N TRP A 253 12.49 -3.14 18.08
CA TRP A 253 11.48 -3.66 19.04
C TRP A 253 11.19 -5.13 18.74
N ILE A 254 10.57 -5.79 19.71
CA ILE A 254 9.84 -7.07 19.58
C ILE A 254 8.34 -6.75 19.71
N VAL A 255 7.52 -7.28 18.81
CA VAL A 255 6.04 -7.01 18.79
C VAL A 255 5.30 -8.34 18.91
N SER A 256 4.28 -8.39 19.75
CA SER A 256 3.45 -9.61 19.90
C SER A 256 2.04 -9.22 20.30
N GLY A 257 1.06 -10.00 19.87
CA GLY A 257 -0.28 -9.93 20.44
C GLY A 257 -0.28 -10.57 21.82
N SER A 258 -1.44 -10.59 22.46
CA SER A 258 -1.60 -11.06 23.85
C SER A 258 -3.03 -11.51 24.05
N GLU A 259 -3.24 -12.43 24.98
CA GLU A 259 -4.60 -12.98 25.30
C GLU A 259 -5.37 -12.02 26.22
N ASP A 260 -4.77 -10.89 26.60
CA ASP A 260 -5.43 -9.79 27.35
C ASP A 260 -5.79 -8.65 26.39
N ASN A 261 -5.87 -8.95 25.08
CA ASN A 261 -6.48 -8.06 24.05
C ASN A 261 -5.58 -6.85 23.73
N LEU A 262 -4.29 -6.90 24.07
CA LEU A 262 -3.33 -5.78 23.85
C LEU A 262 -2.24 -6.21 22.87
N VAL A 263 -1.65 -5.23 22.18
CA VAL A 263 -0.37 -5.42 21.44
C VAL A 263 0.73 -4.99 22.38
N TYR A 264 1.69 -5.89 22.63
CA TYR A 264 2.91 -5.62 23.43
C TYR A 264 4.05 -5.27 22.49
N ILE A 265 4.84 -4.28 22.89
CA ILE A 265 6.09 -3.87 22.19
C ILE A 265 7.19 -3.78 23.24
N TRP A 266 8.27 -4.54 23.04
CA TRP A 266 9.44 -4.53 23.95
C TRP A 266 10.61 -3.87 23.24
N ASN A 267 11.47 -3.22 24.01
CA ASN A 267 12.84 -2.92 23.58
C ASN A 267 13.58 -4.25 23.43
N LEU A 268 14.16 -4.52 22.26
CA LEU A 268 14.84 -5.83 21.96
C LEU A 268 16.01 -6.04 22.93
N GLN A 269 16.84 -5.02 23.11
CA GLN A 269 18.10 -5.10 23.90
C GLN A 269 17.80 -5.14 25.40
N THR A 270 16.93 -4.25 25.90
CA THR A 270 16.69 -4.06 27.36
C THR A 270 15.63 -5.03 27.88
N LYS A 271 14.73 -5.51 27.00
CA LYS A 271 13.61 -6.42 27.35
C LYS A 271 12.49 -5.66 28.08
N GLU A 272 12.57 -4.32 28.17
CA GLU A 272 11.50 -3.52 28.82
C GLU A 272 10.33 -3.38 27.85
N ILE A 273 9.11 -3.46 28.38
CA ILE A 273 7.86 -3.12 27.63
C ILE A 273 7.95 -1.62 27.36
N VAL A 274 7.85 -1.20 26.10
CA VAL A 274 7.93 0.25 25.74
C VAL A 274 6.53 0.76 25.36
N GLN A 275 5.59 -0.11 24.98
CA GLN A 275 4.20 0.32 24.65
C GLN A 275 3.25 -0.87 24.68
N LYS A 276 1.99 -0.61 25.04
CA LYS A 276 0.85 -1.55 25.05
C LYS A 276 -0.30 -0.90 24.28
N LEU A 277 -0.73 -1.51 23.16
CA LEU A 277 -1.72 -0.89 22.25
C LEU A 277 -3.11 -1.43 22.61
N GLN A 278 -3.96 -0.52 23.08
CA GLN A 278 -5.30 -0.85 23.58
C GLN A 278 -6.29 -0.56 22.45
N GLY A 279 -7.27 -1.44 22.25
CA GLY A 279 -8.39 -1.17 21.32
C GLY A 279 -9.16 -2.41 20.96
N HIS A 280 -8.47 -3.54 20.75
CA HIS A 280 -9.08 -4.84 20.44
C HIS A 280 -9.94 -5.28 21.63
N THR A 281 -10.99 -6.05 21.35
CA THR A 281 -11.99 -6.61 22.29
C THR A 281 -11.88 -8.13 22.31
N ASP A 282 -10.75 -8.69 21.84
CA ASP A 282 -10.45 -10.14 22.00
C ASP A 282 -8.95 -10.36 21.84
N VAL A 283 -8.52 -11.61 22.02
CA VAL A 283 -7.09 -12.00 21.91
C VAL A 283 -6.54 -11.41 20.61
N VAL A 284 -5.41 -10.73 20.71
CA VAL A 284 -4.67 -10.30 19.51
C VAL A 284 -3.79 -11.48 19.07
N ILE A 285 -4.24 -12.17 18.03
CA ILE A 285 -3.66 -13.46 17.56
C ILE A 285 -2.47 -13.13 16.66
N SER A 286 -2.54 -12.03 15.92
CA SER A 286 -1.57 -11.76 14.85
C SER A 286 -1.19 -10.28 14.85
N THR A 287 0.09 -10.02 14.65
CA THR A 287 0.68 -8.67 14.48
C THR A 287 1.62 -8.80 13.29
N ALA A 288 1.74 -7.75 12.51
CA ALA A 288 2.72 -7.71 11.42
C ALA A 288 3.32 -6.33 11.41
N CYS A 289 4.63 -6.27 11.13
CA CYS A 289 5.41 -5.01 11.04
C CYS A 289 5.65 -4.67 9.58
N HIS A 290 5.30 -3.46 9.16
CA HIS A 290 5.47 -2.99 7.76
C HIS A 290 6.94 -3.06 7.37
N PRO A 291 7.27 -3.43 6.12
CA PRO A 291 8.67 -3.60 5.75
C PRO A 291 9.50 -2.31 5.70
N THR A 292 8.87 -1.12 5.59
CA THR A 292 9.61 0.17 5.43
C THR A 292 9.10 1.31 6.33
N GLU A 293 7.81 1.33 6.67
CA GLU A 293 7.18 2.37 7.54
C GLU A 293 7.02 1.83 8.95
N ASN A 294 6.96 2.72 9.94
CA ASN A 294 6.63 2.38 11.35
C ASN A 294 5.12 2.14 11.44
N ILE A 295 4.67 1.05 10.80
CA ILE A 295 3.25 0.62 10.76
C ILE A 295 3.14 -0.80 11.29
N ILE A 296 2.24 -1.00 12.23
CA ILE A 296 1.86 -2.34 12.76
C ILE A 296 0.42 -2.63 12.32
N ALA A 297 0.17 -3.82 11.81
CA ALA A 297 -1.20 -4.40 11.68
C ALA A 297 -1.40 -5.39 12.81
N SER A 298 -2.55 -5.30 13.46
CA SER A 298 -2.94 -6.25 14.53
C SER A 298 -4.31 -6.85 14.19
N ALA A 299 -4.58 -8.10 14.61
CA ALA A 299 -5.86 -8.78 14.29
C ALA A 299 -6.29 -9.60 15.50
N ALA A 300 -7.60 -9.75 15.68
CA ALA A 300 -8.22 -10.33 16.90
C ALA A 300 -9.20 -11.46 16.56
N LEU A 301 -9.48 -12.29 17.57
CA LEU A 301 -10.37 -13.47 17.45
C LEU A 301 -11.84 -13.00 17.50
N GLU A 302 -12.76 -13.95 17.60
CA GLU A 302 -14.16 -13.84 17.09
C GLU A 302 -15.01 -12.81 17.84
N ASN A 303 -14.66 -12.40 19.06
CA ASN A 303 -15.46 -11.35 19.77
C ASN A 303 -15.20 -9.97 19.10
N ASP A 304 -14.12 -9.89 18.32
CA ASP A 304 -13.64 -8.63 17.70
C ASP A 304 -13.72 -8.75 16.18
N LYS A 305 -12.90 -9.62 15.59
CA LYS A 305 -12.88 -9.98 14.14
C LYS A 305 -12.32 -8.85 13.30
N THR A 306 -11.71 -7.82 13.91
CA THR A 306 -11.20 -6.65 13.15
C THR A 306 -9.68 -6.71 13.09
N ILE A 307 -9.17 -6.01 12.09
CA ILE A 307 -7.74 -5.69 11.93
C ILE A 307 -7.58 -4.21 12.25
N LYS A 308 -6.57 -3.86 13.01
CA LYS A 308 -6.23 -2.44 13.30
C LYS A 308 -4.85 -2.12 12.71
N LEU A 309 -4.75 -0.95 12.08
CA LEU A 309 -3.48 -0.39 11.55
C LEU A 309 -3.06 0.76 12.47
N TRP A 310 -1.80 0.71 12.90
CA TRP A 310 -1.18 1.65 13.87
C TRP A 310 0.03 2.30 13.22
N LYS A 311 0.30 3.56 13.57
CA LYS A 311 1.45 4.35 13.04
C LYS A 311 2.22 5.03 14.18
N SER A 312 3.55 5.00 14.09
CA SER A 312 4.50 5.55 15.08
C SER A 312 5.51 6.47 14.38
N ASP A 313 6.10 7.40 15.14
CA ASP A 313 7.16 8.32 14.65
C ASP A 313 8.54 7.67 14.76
N CYS A 314 8.66 6.52 15.42
CA CYS A 314 9.93 5.75 15.52
C CYS A 314 9.64 4.29 15.90
N VAL B 11 -21.84 -0.86 -23.24
CA VAL B 11 -21.88 -0.48 -21.79
C VAL B 11 -21.33 0.95 -21.68
N LYS B 12 -22.13 1.90 -21.20
CA LYS B 12 -21.73 3.34 -21.03
C LYS B 12 -22.10 3.78 -19.62
N PRO B 13 -21.36 4.75 -19.02
CA PRO B 13 -21.75 5.32 -17.74
C PRO B 13 -22.89 6.33 -18.01
N ASN B 14 -23.58 6.80 -16.98
CA ASN B 14 -24.65 7.83 -17.09
C ASN B 14 -24.42 8.91 -16.04
N TYR B 15 -23.20 9.45 -15.98
CA TYR B 15 -22.83 10.59 -15.10
C TYR B 15 -23.81 11.75 -15.34
N ALA B 16 -24.49 12.19 -14.28
CA ALA B 16 -25.38 13.37 -14.29
C ALA B 16 -24.92 14.32 -13.19
N LEU B 17 -25.12 15.61 -13.42
CA LEU B 17 -24.76 16.71 -12.48
C LEU B 17 -25.54 16.57 -11.18
N LYS B 18 -24.84 16.63 -10.05
CA LYS B 18 -25.44 16.62 -8.69
C LYS B 18 -25.25 17.98 -8.03
N PHE B 19 -24.06 18.58 -8.15
CA PHE B 19 -23.72 19.83 -7.43
C PHE B 19 -22.77 20.69 -8.28
N THR B 20 -22.95 22.01 -8.21
CA THR B 20 -21.99 23.04 -8.66
C THR B 20 -21.43 23.77 -7.43
N LEU B 21 -20.11 23.67 -7.22
CA LEU B 21 -19.37 24.25 -6.06
C LEU B 21 -18.75 25.59 -6.44
N ALA B 22 -19.35 26.71 -6.00
CA ALA B 22 -18.87 28.08 -6.26
C ALA B 22 -18.07 28.60 -5.06
N GLY B 23 -17.07 29.44 -5.31
CA GLY B 23 -16.32 30.13 -4.23
C GLY B 23 -14.97 30.66 -4.67
N HIS B 24 -14.27 29.96 -5.57
CA HIS B 24 -12.95 30.42 -6.08
C HIS B 24 -13.19 31.71 -6.89
N THR B 25 -12.28 32.68 -6.77
CA THR B 25 -12.38 34.04 -7.38
C THR B 25 -11.48 34.15 -8.61
N LYS B 26 -10.70 33.10 -8.88
CA LYS B 26 -9.95 32.96 -10.15
C LYS B 26 -10.07 31.51 -10.63
N ALA B 27 -9.46 31.22 -11.78
CA ALA B 27 -9.33 29.87 -12.38
C ALA B 27 -9.04 28.84 -11.27
N VAL B 28 -9.76 27.72 -11.29
CA VAL B 28 -9.36 26.54 -10.46
C VAL B 28 -8.19 25.91 -11.22
N SER B 29 -7.28 25.20 -10.56
CA SER B 29 -6.14 24.50 -11.22
C SER B 29 -6.25 22.98 -11.03
N SER B 30 -6.79 22.50 -9.92
CA SER B 30 -6.70 21.06 -9.58
C SER B 30 -7.77 20.71 -8.54
N VAL B 31 -8.46 19.59 -8.74
CA VAL B 31 -9.33 19.01 -7.68
C VAL B 31 -8.89 17.57 -7.41
N LYS B 32 -8.99 17.14 -6.16
CA LYS B 32 -8.57 15.78 -5.75
C LYS B 32 -9.48 15.27 -4.62
N PHE B 33 -9.98 14.04 -4.73
CA PHE B 33 -10.74 13.35 -3.65
C PHE B 33 -9.77 12.83 -2.60
N SER B 34 -10.11 13.00 -1.33
CA SER B 34 -9.37 12.38 -0.22
C SER B 34 -9.43 10.86 -0.39
N PRO B 35 -8.34 10.15 -0.07
CA PRO B 35 -8.33 8.68 -0.12
C PRO B 35 -9.44 8.01 0.71
N ASN B 36 -9.89 8.63 1.79
CA ASN B 36 -11.00 8.08 2.62
C ASN B 36 -12.37 8.37 1.97
N GLY B 37 -12.37 9.10 0.85
CA GLY B 37 -13.59 9.43 0.06
C GLY B 37 -14.44 10.53 0.68
N GLU B 38 -13.99 11.14 1.78
CA GLU B 38 -14.81 12.08 2.58
C GLU B 38 -14.83 13.47 1.92
N TRP B 39 -13.69 13.88 1.37
CA TRP B 39 -13.48 15.30 0.97
C TRP B 39 -13.09 15.41 -0.51
N LEU B 40 -13.41 16.56 -1.09
CA LEU B 40 -12.74 17.10 -2.30
C LEU B 40 -11.91 18.31 -1.88
N ALA B 41 -10.63 18.34 -2.28
CA ALA B 41 -9.79 19.56 -2.18
C ALA B 41 -9.70 20.22 -3.56
N SER B 42 -9.73 21.55 -3.60
CA SER B 42 -9.54 22.35 -4.83
C SER B 42 -8.45 23.38 -4.61
N SER B 43 -7.61 23.62 -5.61
CA SER B 43 -6.59 24.67 -5.62
C SER B 43 -6.94 25.67 -6.70
N SER B 44 -6.39 26.87 -6.64
CA SER B 44 -6.80 27.96 -7.57
C SER B 44 -5.69 29.01 -7.73
N ALA B 45 -5.73 29.71 -8.87
CA ALA B 45 -4.94 30.93 -9.16
C ALA B 45 -5.19 31.99 -8.09
N ASP B 46 -6.30 31.88 -7.33
CA ASP B 46 -6.69 32.84 -6.28
C ASP B 46 -5.88 32.59 -5.00
N LYS B 47 -4.89 31.68 -5.03
CA LYS B 47 -3.91 31.43 -3.93
C LYS B 47 -4.55 30.60 -2.81
N LEU B 48 -5.77 30.09 -3.01
CA LEU B 48 -6.50 29.41 -1.93
C LEU B 48 -6.66 27.93 -2.26
N ILE B 49 -6.78 27.12 -1.21
CA ILE B 49 -7.25 25.73 -1.23
C ILE B 49 -8.64 25.73 -0.60
N LYS B 50 -9.60 25.06 -1.21
CA LYS B 50 -10.95 24.88 -0.60
C LYS B 50 -11.22 23.38 -0.40
N ILE B 51 -11.92 23.06 0.69
CA ILE B 51 -12.30 21.68 1.09
C ILE B 51 -13.82 21.63 1.01
N TRP B 52 -14.34 20.61 0.38
CA TRP B 52 -15.78 20.40 0.14
C TRP B 52 -16.14 18.99 0.53
N GLY B 53 -17.35 18.80 1.07
CA GLY B 53 -17.91 17.45 1.23
C GLY B 53 -18.03 16.71 -0.11
N ALA B 54 -17.40 15.55 -0.23
CA ALA B 54 -17.34 14.74 -1.48
C ALA B 54 -18.74 14.30 -1.91
N TYR B 55 -19.66 14.08 -0.97
CA TYR B 55 -20.98 13.45 -1.23
C TYR B 55 -22.09 14.50 -1.38
N ASP B 56 -22.05 15.60 -0.63
CA ASP B 56 -23.16 16.60 -0.61
C ASP B 56 -22.70 17.95 -1.18
N GLY B 57 -21.41 18.08 -1.54
CA GLY B 57 -20.80 19.29 -2.14
C GLY B 57 -20.75 20.48 -1.19
N LYS B 58 -20.92 20.26 0.12
CA LYS B 58 -21.02 21.38 1.10
C LYS B 58 -19.62 21.96 1.35
N PHE B 59 -19.47 23.27 1.17
CA PHE B 59 -18.23 24.02 1.49
C PHE B 59 -17.84 23.77 2.96
N GLU B 60 -16.62 23.28 3.18
CA GLU B 60 -16.10 22.98 4.53
C GLU B 60 -15.21 24.13 5.02
N LYS B 61 -14.14 24.48 4.28
CA LYS B 61 -13.16 25.50 4.77
C LYS B 61 -12.26 25.97 3.63
N THR B 62 -11.64 27.13 3.84
CA THR B 62 -10.61 27.74 2.98
C THR B 62 -9.30 27.60 3.71
N ILE B 63 -8.26 27.14 3.02
CA ILE B 63 -6.88 27.07 3.56
C ILE B 63 -6.07 28.10 2.77
N SER B 64 -5.42 29.04 3.48
N SER B 64 -5.40 29.03 3.47
N SER B 64 -5.41 29.03 3.47
CA SER B 64 -4.72 30.22 2.93
CA SER B 64 -4.69 30.19 2.90
CA SER B 64 -4.70 30.20 2.90
C SER B 64 -3.27 30.23 3.44
C SER B 64 -3.25 30.24 3.44
C SER B 64 -3.28 30.26 3.44
N GLY B 65 -2.35 30.83 2.66
CA GLY B 65 -0.96 31.06 3.08
C GLY B 65 -0.05 31.26 1.90
N HIS B 66 -0.36 30.71 0.73
CA HIS B 66 0.49 30.93 -0.47
C HIS B 66 0.41 32.41 -0.86
N LYS B 67 1.51 32.93 -1.39
CA LYS B 67 1.63 34.38 -1.71
C LYS B 67 1.32 34.60 -3.20
N LEU B 68 1.17 33.52 -3.97
CA LEU B 68 0.79 33.54 -5.40
C LEU B 68 -0.07 32.30 -5.68
N GLY B 69 -0.62 32.22 -6.89
CA GLY B 69 -1.57 31.18 -7.28
C GLY B 69 -1.00 29.79 -7.04
N ILE B 70 -1.90 28.82 -6.88
CA ILE B 70 -1.59 27.38 -6.64
C ILE B 70 -1.94 26.66 -7.93
N SER B 71 -1.05 25.77 -8.43
N SER B 71 -1.05 25.76 -8.38
CA SER B 71 -1.22 24.96 -9.66
CA SER B 71 -1.16 24.99 -9.65
C SER B 71 -1.69 23.53 -9.35
C SER B 71 -1.52 23.52 -9.40
N ASP B 72 -1.42 23.02 -8.16
CA ASP B 72 -1.72 21.58 -7.87
C ASP B 72 -1.89 21.34 -6.37
N VAL B 73 -2.69 20.35 -5.99
CA VAL B 73 -2.82 19.92 -4.58
C VAL B 73 -2.86 18.38 -4.58
N ALA B 74 -2.44 17.75 -3.50
CA ALA B 74 -2.48 16.28 -3.35
C ALA B 74 -2.67 15.91 -1.88
N TRP B 75 -3.31 14.77 -1.64
CA TRP B 75 -3.65 14.20 -0.30
C TRP B 75 -2.58 13.19 0.14
N SER B 76 -2.28 13.16 1.43
CA SER B 76 -1.58 12.01 2.07
C SER B 76 -2.57 10.84 2.11
N SER B 77 -2.05 9.62 2.21
CA SER B 77 -2.86 8.37 2.17
C SER B 77 -3.85 8.29 3.32
N ASP B 78 -3.53 8.86 4.49
CA ASP B 78 -4.42 8.85 5.69
C ASP B 78 -5.50 9.96 5.61
N SER B 79 -5.51 10.75 4.52
CA SER B 79 -6.43 11.91 4.30
C SER B 79 -6.18 13.05 5.29
N ASN B 80 -5.10 13.05 6.04
CA ASN B 80 -4.86 14.04 7.12
C ASN B 80 -4.09 15.25 6.60
N LEU B 81 -3.21 15.08 5.60
CA LEU B 81 -2.34 16.16 5.06
C LEU B 81 -2.67 16.48 3.60
N LEU B 82 -2.44 17.72 3.23
CA LEU B 82 -2.45 18.19 1.82
C LEU B 82 -1.05 18.72 1.50
N VAL B 83 -0.61 18.57 0.28
CA VAL B 83 0.53 19.35 -0.23
C VAL B 83 -0.01 20.22 -1.36
N SER B 84 0.45 21.46 -1.47
CA SER B 84 0.10 22.39 -2.58
C SER B 84 1.38 22.84 -3.27
N ALA B 85 1.31 23.12 -4.57
CA ALA B 85 2.44 23.59 -5.41
C ALA B 85 2.09 24.99 -5.93
N SER B 86 2.95 26.00 -5.72
CA SER B 86 2.61 27.43 -5.93
C SER B 86 3.59 28.13 -6.86
N ASP B 87 3.10 29.19 -7.47
CA ASP B 87 3.91 30.12 -8.27
C ASP B 87 4.86 30.90 -7.35
N ASP B 88 4.67 30.88 -6.02
CA ASP B 88 5.61 31.52 -5.06
C ASP B 88 6.88 30.66 -4.90
N LYS B 89 7.01 29.59 -5.70
CA LYS B 89 8.21 28.71 -5.83
C LYS B 89 8.28 27.75 -4.64
N THR B 90 7.25 27.72 -3.80
CA THR B 90 7.20 26.78 -2.66
C THR B 90 6.10 25.74 -2.83
N LEU B 91 6.28 24.63 -2.11
CA LEU B 91 5.20 23.73 -1.71
C LEU B 91 4.90 23.99 -0.25
N LYS B 92 3.64 23.77 0.14
CA LYS B 92 3.24 23.83 1.55
C LYS B 92 2.55 22.53 1.90
N ILE B 93 2.91 21.98 3.05
CA ILE B 93 2.24 20.82 3.67
C ILE B 93 1.23 21.37 4.67
N TRP B 94 -0.02 20.92 4.57
CA TRP B 94 -1.15 21.43 5.40
C TRP B 94 -1.70 20.31 6.27
N ASP B 95 -2.02 20.65 7.52
CA ASP B 95 -2.92 19.85 8.38
C ASP B 95 -4.35 20.27 8.00
N VAL B 96 -5.10 19.36 7.40
CA VAL B 96 -6.43 19.65 6.79
C VAL B 96 -7.39 20.02 7.93
N SER B 97 -7.33 19.30 9.06
CA SER B 97 -8.27 19.46 10.19
C SER B 97 -8.11 20.86 10.82
N SER B 98 -6.86 21.34 10.99
CA SER B 98 -6.56 22.67 11.60
C SER B 98 -6.49 23.78 10.54
N GLY B 99 -6.19 23.44 9.27
CA GLY B 99 -5.89 24.41 8.19
C GLY B 99 -4.53 25.08 8.35
N LYS B 100 -3.68 24.54 9.22
CA LYS B 100 -2.34 25.10 9.54
C LYS B 100 -1.30 24.60 8.53
N CYS B 101 -0.42 25.49 8.08
CA CYS B 101 0.78 25.14 7.28
C CYS B 101 1.84 24.51 8.19
N LEU B 102 2.15 23.23 8.00
CA LEU B 102 3.12 22.48 8.84
C LEU B 102 4.53 22.73 8.34
N LYS B 103 4.72 22.75 7.02
CA LYS B 103 6.06 23.02 6.43
C LYS B 103 5.89 23.83 5.16
N THR B 104 6.90 24.63 4.84
CA THR B 104 7.11 25.24 3.52
C THR B 104 8.35 24.59 2.91
N LEU B 105 8.15 23.92 1.77
CA LEU B 105 9.23 23.24 1.01
C LEU B 105 9.87 24.29 0.08
N LYS B 106 11.09 24.71 0.41
CA LYS B 106 11.84 25.75 -0.34
C LYS B 106 13.01 25.08 -1.05
N GLY B 107 13.24 25.46 -2.31
CA GLY B 107 14.34 24.94 -3.14
C GLY B 107 14.16 25.21 -4.61
N HIS B 108 12.95 25.06 -5.14
CA HIS B 108 12.68 25.31 -6.57
C HIS B 108 12.99 26.79 -6.85
N SER B 109 13.49 27.07 -8.06
CA SER B 109 13.92 28.43 -8.50
C SER B 109 12.91 29.05 -9.47
N ASN B 110 11.72 28.45 -9.61
CA ASN B 110 10.62 28.99 -10.46
C ASN B 110 9.32 28.35 -9.97
N TYR B 111 8.19 28.63 -10.67
CA TYR B 111 6.85 28.12 -10.26
C TYR B 111 6.95 26.61 -9.98
N VAL B 112 6.32 26.14 -8.91
CA VAL B 112 6.08 24.70 -8.68
C VAL B 112 4.72 24.39 -9.29
N PHE B 113 4.67 23.42 -10.18
CA PHE B 113 3.51 23.17 -11.05
C PHE B 113 2.67 21.99 -10.57
N CYS B 114 3.34 20.95 -10.08
CA CYS B 114 2.75 19.62 -9.85
C CYS B 114 3.37 19.00 -8.59
N CYS B 115 2.56 18.27 -7.84
CA CYS B 115 3.02 17.59 -6.62
C CYS B 115 2.22 16.31 -6.40
N ASN B 116 2.79 15.35 -5.67
CA ASN B 116 2.12 14.13 -5.22
C ASN B 116 2.84 13.58 -3.99
N PHE B 117 2.09 12.97 -3.06
CA PHE B 117 2.63 12.12 -1.98
C PHE B 117 2.91 10.74 -2.58
N ASN B 118 3.88 10.01 -2.04
CA ASN B 118 4.01 8.55 -2.30
C ASN B 118 2.91 7.87 -1.48
N PRO B 119 2.52 6.61 -1.80
CA PRO B 119 1.50 5.91 -1.03
C PRO B 119 1.80 5.83 0.48
N GLN B 120 3.07 5.61 0.82
CA GLN B 120 3.59 5.65 2.23
C GLN B 120 3.29 7.01 2.85
N SER B 121 3.44 8.07 2.06
CA SER B 121 3.23 9.51 2.39
C SER B 121 4.34 10.03 3.30
N ASN B 122 5.53 9.41 3.26
CA ASN B 122 6.76 9.92 3.90
C ASN B 122 7.47 10.85 2.91
N LEU B 123 7.13 10.77 1.60
CA LEU B 123 7.78 11.61 0.57
C LEU B 123 6.74 12.43 -0.20
N ILE B 124 7.21 13.54 -0.72
CA ILE B 124 6.47 14.34 -1.72
C ILE B 124 7.39 14.47 -2.92
N VAL B 125 6.81 14.32 -4.12
CA VAL B 125 7.50 14.67 -5.38
C VAL B 125 6.86 15.92 -5.94
N SER B 126 7.70 16.76 -6.53
CA SER B 126 7.27 18.03 -7.13
C SER B 126 7.95 18.19 -8.48
N GLY B 127 7.25 18.87 -9.39
CA GLY B 127 7.77 19.29 -10.70
C GLY B 127 7.69 20.79 -10.83
N SER B 128 8.70 21.43 -11.43
CA SER B 128 8.73 22.90 -11.52
C SER B 128 9.03 23.38 -12.94
N PHE B 129 8.72 24.64 -13.20
CA PHE B 129 9.15 25.37 -14.41
C PHE B 129 10.68 25.45 -14.46
N ASP B 130 11.34 25.24 -13.32
CA ASP B 130 12.83 25.25 -13.23
C ASP B 130 13.42 23.98 -13.85
N GLU B 131 12.56 23.06 -14.31
CA GLU B 131 12.87 21.85 -15.15
C GLU B 131 13.41 20.72 -14.27
N SER B 132 13.32 20.87 -12.96
CA SER B 132 13.76 19.85 -11.98
C SER B 132 12.55 19.12 -11.40
N VAL B 133 12.82 17.90 -10.95
CA VAL B 133 11.87 17.14 -10.10
C VAL B 133 12.55 17.05 -8.73
N ARG B 134 11.83 17.38 -7.67
CA ARG B 134 12.39 17.27 -6.30
C ARG B 134 11.61 16.25 -5.50
N ILE B 135 12.34 15.54 -4.65
CA ILE B 135 11.82 14.57 -3.65
C ILE B 135 12.09 15.15 -2.25
N TRP B 136 11.04 15.27 -1.46
CA TRP B 136 11.01 15.99 -0.17
C TRP B 136 10.68 15.01 0.95
N ASP B 137 11.31 15.18 2.11
CA ASP B 137 10.96 14.47 3.35
C ASP B 137 9.77 15.21 4.00
N VAL B 138 8.64 14.55 4.17
CA VAL B 138 7.39 15.13 4.75
C VAL B 138 7.69 15.57 6.20
N LYS B 139 8.44 14.76 6.95
CA LYS B 139 8.65 14.96 8.41
C LYS B 139 9.46 16.24 8.65
N THR B 140 10.59 16.38 7.98
CA THR B 140 11.56 17.50 8.17
C THR B 140 11.24 18.67 7.23
N GLY B 141 10.57 18.40 6.10
CA GLY B 141 10.32 19.40 5.04
C GLY B 141 11.57 19.65 4.23
N LYS B 142 12.59 18.79 4.35
CA LYS B 142 13.89 18.93 3.65
C LYS B 142 13.79 18.30 2.26
N CYS B 143 14.42 18.92 1.28
CA CYS B 143 14.63 18.31 -0.05
C CYS B 143 15.65 17.18 0.10
N LEU B 144 15.31 15.96 -0.30
CA LEU B 144 16.24 14.78 -0.23
C LEU B 144 17.03 14.67 -1.52
N LYS B 145 16.38 14.93 -2.66
CA LYS B 145 16.99 14.80 -4.00
C LYS B 145 16.44 15.89 -4.91
N THR B 146 17.31 16.39 -5.79
CA THR B 146 16.96 17.20 -6.98
C THR B 146 17.29 16.34 -8.19
N LEU B 147 16.29 15.95 -8.99
CA LEU B 147 16.53 15.25 -10.28
C LEU B 147 16.66 16.30 -11.36
N PRO B 148 17.75 16.25 -12.15
CA PRO B 148 17.91 17.12 -13.31
C PRO B 148 17.06 16.52 -14.44
N ALA B 149 15.75 16.53 -14.26
CA ALA B 149 14.83 15.55 -14.89
C ALA B 149 14.53 15.89 -16.34
N HIS B 150 14.45 17.17 -16.69
CA HIS B 150 13.92 17.64 -17.99
C HIS B 150 14.66 18.90 -18.45
N SER B 151 14.42 19.30 -19.68
CA SER B 151 15.03 20.52 -20.29
C SER B 151 13.94 21.55 -20.62
N ASP B 152 12.78 21.44 -19.98
CA ASP B 152 11.67 22.40 -20.13
C ASP B 152 10.78 22.21 -18.91
N PRO B 153 9.75 23.05 -18.69
CA PRO B 153 8.90 22.90 -17.51
C PRO B 153 8.33 21.47 -17.32
N VAL B 154 8.27 21.06 -16.06
CA VAL B 154 7.73 19.72 -15.67
C VAL B 154 6.22 19.90 -15.47
N SER B 155 5.41 19.12 -16.22
CA SER B 155 3.93 19.26 -16.28
C SER B 155 3.26 18.31 -15.27
N ALA B 156 3.92 17.23 -14.90
CA ALA B 156 3.34 16.26 -13.95
C ALA B 156 4.41 15.37 -13.33
N VAL B 157 4.06 14.84 -12.14
CA VAL B 157 4.90 13.91 -11.35
C VAL B 157 3.95 12.98 -10.60
N HIS B 158 4.27 11.70 -10.53
CA HIS B 158 3.35 10.70 -9.95
C HIS B 158 4.20 9.53 -9.46
N PHE B 159 3.87 8.99 -8.30
CA PHE B 159 4.42 7.72 -7.78
C PHE B 159 3.53 6.57 -8.22
N ASN B 160 4.16 5.40 -8.43
CA ASN B 160 3.42 4.15 -8.68
C ASN B 160 2.87 3.67 -7.35
N ARG B 161 2.17 2.54 -7.42
CA ARG B 161 1.27 1.97 -6.40
C ARG B 161 2.05 1.64 -5.13
N ASP B 162 3.33 1.26 -5.25
CA ASP B 162 4.14 0.86 -4.08
C ASP B 162 5.20 1.91 -3.75
N GLY B 163 5.24 3.03 -4.51
CA GLY B 163 6.13 4.18 -4.21
C GLY B 163 7.54 4.01 -4.75
N SER B 164 7.86 2.87 -5.39
CA SER B 164 9.25 2.52 -5.79
C SER B 164 9.68 3.34 -7.01
N LEU B 165 8.72 3.87 -7.77
CA LEU B 165 8.98 4.61 -9.03
C LEU B 165 8.26 5.95 -9.00
N ILE B 166 8.84 6.88 -9.75
CA ILE B 166 8.24 8.18 -10.13
C ILE B 166 8.15 8.24 -11.65
N VAL B 167 7.04 8.77 -12.16
CA VAL B 167 6.99 9.17 -13.59
C VAL B 167 6.87 10.68 -13.67
N SER B 168 7.52 11.29 -14.64
CA SER B 168 7.44 12.76 -14.86
C SER B 168 7.23 13.00 -16.33
N SER B 169 6.70 14.18 -16.64
CA SER B 169 6.40 14.63 -18.01
C SER B 169 6.81 16.07 -18.13
N SER B 170 7.13 16.49 -19.35
CA SER B 170 7.69 17.85 -19.57
C SER B 170 7.32 18.34 -20.96
N TYR B 171 7.26 19.66 -21.08
CA TYR B 171 7.19 20.35 -22.38
C TYR B 171 8.40 20.03 -23.27
N ASP B 172 9.40 19.29 -22.78
CA ASP B 172 10.54 18.85 -23.63
C ASP B 172 10.13 17.65 -24.50
N GLY B 173 8.97 17.03 -24.23
CA GLY B 173 8.40 15.95 -25.04
C GLY B 173 8.67 14.58 -24.48
N LEU B 174 9.33 14.52 -23.31
CA LEU B 174 9.74 13.25 -22.68
C LEU B 174 8.82 12.91 -21.51
N CYS B 175 8.58 11.62 -21.36
N CYS B 175 8.66 11.62 -21.30
CA CYS B 175 8.17 10.96 -20.10
CA CYS B 175 8.13 11.00 -20.08
C CYS B 175 9.36 10.18 -19.56
C CYS B 175 9.24 10.12 -19.51
N ARG B 176 9.69 10.39 -18.28
CA ARG B 176 10.82 9.67 -17.64
C ARG B 176 10.30 8.93 -16.42
N ILE B 177 10.86 7.75 -16.21
CA ILE B 177 10.52 6.90 -15.06
C ILE B 177 11.79 6.81 -14.23
N TRP B 178 11.64 7.03 -12.93
CA TRP B 178 12.75 7.21 -11.99
C TRP B 178 12.61 6.17 -10.88
N ASP B 179 13.73 5.59 -10.48
CA ASP B 179 13.88 4.83 -9.23
C ASP B 179 13.84 5.83 -8.05
N THR B 180 12.81 5.77 -7.20
CA THR B 180 12.65 6.71 -6.05
C THR B 180 13.87 6.66 -5.11
N ALA B 181 14.34 5.47 -4.75
CA ALA B 181 15.40 5.31 -3.72
C ALA B 181 16.69 5.99 -4.20
N SER B 182 17.04 5.88 -5.48
CA SER B 182 18.35 6.30 -6.03
C SER B 182 18.24 7.59 -6.83
N GLY B 183 17.04 7.93 -7.31
CA GLY B 183 16.81 9.05 -8.24
C GLY B 183 17.42 8.80 -9.60
N GLN B 184 17.78 7.54 -9.93
CA GLN B 184 18.32 7.17 -11.26
C GLN B 184 17.16 7.01 -12.24
N CYS B 185 17.36 7.46 -13.48
CA CYS B 185 16.39 7.34 -14.59
C CYS B 185 16.43 5.88 -15.07
N LEU B 186 15.28 5.20 -15.02
CA LEU B 186 15.16 3.79 -15.47
C LEU B 186 14.79 3.74 -16.94
N LYS B 187 14.05 4.74 -17.44
CA LYS B 187 13.39 4.66 -18.76
C LYS B 187 12.96 6.05 -19.22
N THR B 188 13.18 6.33 -20.51
CA THR B 188 12.70 7.53 -21.21
C THR B 188 11.76 7.07 -22.33
N LEU B 189 10.49 7.47 -22.29
CA LEU B 189 9.49 7.21 -23.35
C LEU B 189 9.50 8.41 -24.32
N ILE B 190 10.08 8.23 -25.50
CA ILE B 190 9.91 9.16 -26.65
C ILE B 190 9.23 8.38 -27.79
N ASP B 191 8.50 9.08 -28.65
CA ASP B 191 7.99 8.57 -29.94
C ASP B 191 9.05 8.91 -31.01
N ASP B 192 8.64 9.30 -32.23
CA ASP B 192 9.57 9.82 -33.27
C ASP B 192 9.47 11.35 -33.29
N ASP B 193 8.24 11.89 -33.17
CA ASP B 193 7.96 13.32 -32.89
C ASP B 193 8.15 13.53 -31.38
N ASN B 194 8.00 14.77 -30.88
CA ASN B 194 8.06 15.07 -29.43
C ASN B 194 7.20 16.29 -29.13
N PRO B 195 5.85 16.17 -29.20
CA PRO B 195 4.97 17.24 -28.76
C PRO B 195 5.07 17.36 -27.24
N PRO B 196 4.79 18.53 -26.65
CA PRO B 196 4.88 18.68 -25.19
C PRO B 196 4.00 17.63 -24.52
N VAL B 197 4.52 16.97 -23.50
CA VAL B 197 3.77 16.03 -22.65
C VAL B 197 3.20 16.84 -21.49
N SER B 198 1.89 16.97 -21.42
CA SER B 198 1.18 17.93 -20.54
C SER B 198 0.71 17.21 -19.27
N PHE B 199 0.70 15.88 -19.25
CA PHE B 199 0.23 15.09 -18.08
C PHE B 199 0.72 13.67 -18.15
N VAL B 200 1.02 13.05 -17.01
CA VAL B 200 1.32 11.61 -16.93
C VAL B 200 0.91 11.11 -15.56
N LYS B 201 0.46 9.86 -15.51
CA LYS B 201 0.35 9.13 -14.24
C LYS B 201 0.39 7.63 -14.53
N PHE B 202 0.75 6.86 -13.52
CA PHE B 202 0.72 5.38 -13.53
C PHE B 202 -0.72 4.88 -13.45
N SER B 203 -1.00 3.74 -14.12
CA SER B 203 -2.25 2.95 -13.96
C SER B 203 -2.28 2.39 -12.56
N PRO B 204 -3.47 2.16 -11.96
CA PRO B 204 -3.54 1.61 -10.61
C PRO B 204 -2.65 0.38 -10.38
N ASN B 205 -2.45 -0.46 -11.38
CA ASN B 205 -1.67 -1.72 -11.26
C ASN B 205 -0.19 -1.46 -11.52
N GLY B 206 0.16 -0.25 -11.95
CA GLY B 206 1.56 0.21 -12.10
C GLY B 206 2.24 -0.27 -13.37
N LYS B 207 1.53 -0.97 -14.27
CA LYS B 207 2.14 -1.56 -15.50
C LYS B 207 2.16 -0.54 -16.62
N TYR B 208 1.20 0.39 -16.63
CA TYR B 208 1.01 1.38 -17.72
C TYR B 208 1.24 2.80 -17.18
N ILE B 209 1.49 3.70 -18.12
CA ILE B 209 1.45 5.16 -17.91
C ILE B 209 0.45 5.75 -18.91
N LEU B 210 -0.50 6.53 -18.39
CA LEU B 210 -1.41 7.38 -19.17
C LEU B 210 -0.71 8.73 -19.39
N ALA B 211 -0.48 9.13 -20.64
CA ALA B 211 0.23 10.39 -20.99
C ALA B 211 -0.63 11.22 -21.93
N ALA B 212 -0.76 12.53 -21.63
CA ALA B 212 -1.44 13.53 -22.48
C ALA B 212 -0.37 14.32 -23.21
N THR B 213 -0.57 14.57 -24.50
CA THR B 213 0.29 15.43 -25.32
C THR B 213 -0.55 16.58 -25.87
N LEU B 214 0.09 17.71 -26.19
CA LEU B 214 -0.62 18.95 -26.59
C LEU B 214 -0.91 18.91 -28.10
N ASP B 215 -1.32 17.73 -28.57
CA ASP B 215 -1.80 17.43 -29.94
C ASP B 215 -3.15 16.70 -29.82
N ASN B 216 -3.93 16.99 -28.76
CA ASN B 216 -5.31 16.47 -28.57
C ASN B 216 -5.28 14.93 -28.47
N THR B 217 -4.27 14.35 -27.80
CA THR B 217 -4.08 12.88 -27.74
C THR B 217 -3.75 12.46 -26.30
N LEU B 218 -4.42 11.42 -25.84
CA LEU B 218 -4.03 10.65 -24.63
C LEU B 218 -3.53 9.28 -25.10
N LYS B 219 -2.45 8.78 -24.51
CA LYS B 219 -1.89 7.47 -24.84
C LYS B 219 -1.66 6.66 -23.58
N LEU B 220 -1.98 5.37 -23.65
CA LEU B 220 -1.67 4.35 -22.62
C LEU B 220 -0.41 3.61 -23.06
N TRP B 221 0.67 3.71 -22.28
CA TRP B 221 2.01 3.13 -22.58
C TRP B 221 2.25 1.92 -21.69
N ASP B 222 2.71 0.81 -22.28
CA ASP B 222 3.26 -0.34 -21.51
C ASP B 222 4.62 0.12 -21.03
N TYR B 223 4.74 0.32 -19.72
CA TYR B 223 5.96 0.84 -19.07
C TYR B 223 7.13 -0.10 -19.37
N SER B 224 6.99 -1.39 -19.06
CA SER B 224 8.08 -2.41 -19.15
C SER B 224 8.63 -2.52 -20.57
N LYS B 225 7.76 -2.47 -21.59
CA LYS B 225 8.12 -2.69 -23.02
C LYS B 225 8.44 -1.35 -23.71
N GLY B 226 7.83 -0.25 -23.23
CA GLY B 226 7.97 1.07 -23.86
C GLY B 226 7.14 1.20 -25.13
N LYS B 227 5.97 0.55 -25.16
CA LYS B 227 5.06 0.50 -26.34
C LYS B 227 3.77 1.26 -26.03
N CYS B 228 3.17 1.90 -27.05
CA CYS B 228 1.82 2.51 -27.00
C CYS B 228 0.77 1.43 -27.25
N LEU B 229 -0.10 1.16 -26.26
CA LEU B 229 -1.13 0.07 -26.32
C LEU B 229 -2.48 0.65 -26.76
N LYS B 230 -2.79 1.88 -26.36
CA LYS B 230 -4.09 2.54 -26.64
C LYS B 230 -3.88 4.04 -26.88
N THR B 231 -4.72 4.61 -27.75
CA THR B 231 -4.81 6.06 -28.01
C THR B 231 -6.25 6.50 -27.80
N TYR B 232 -6.47 7.61 -27.09
CA TYR B 232 -7.81 8.23 -26.86
C TYR B 232 -7.80 9.61 -27.50
N THR B 233 -8.71 9.87 -28.44
CA THR B 233 -8.81 11.16 -29.18
C THR B 233 -10.27 11.64 -29.23
N GLY B 234 -10.52 12.80 -29.85
CA GLY B 234 -11.87 13.37 -29.99
C GLY B 234 -12.08 14.59 -29.12
N HIS B 235 -11.21 14.81 -28.13
CA HIS B 235 -11.24 15.99 -27.22
C HIS B 235 -10.28 17.06 -27.74
N LYS B 236 -10.17 18.19 -27.05
CA LYS B 236 -9.36 19.36 -27.45
C LYS B 236 -8.31 19.61 -26.36
N ASN B 237 -7.03 19.45 -26.69
CA ASN B 237 -5.95 19.69 -25.72
C ASN B 237 -4.68 20.10 -26.47
N GLU B 238 -4.47 21.40 -26.66
CA GLU B 238 -3.27 21.94 -27.35
C GLU B 238 -2.54 23.01 -26.50
N LYS B 239 -3.08 23.40 -25.33
CA LYS B 239 -2.57 24.58 -24.57
C LYS B 239 -2.32 24.25 -23.09
N TYR B 240 -3.28 23.63 -22.40
CA TYR B 240 -3.30 23.48 -20.93
C TYR B 240 -2.85 22.08 -20.49
N CYS B 241 -2.33 22.01 -19.28
CA CYS B 241 -1.92 20.74 -18.64
C CYS B 241 -3.15 20.14 -17.94
N ILE B 242 -3.98 19.43 -18.71
CA ILE B 242 -5.28 18.88 -18.24
C ILE B 242 -5.03 17.51 -17.62
N PHE B 243 -5.55 17.30 -16.42
CA PHE B 243 -5.46 16.00 -15.72
C PHE B 243 -6.28 14.94 -16.47
N ALA B 244 -5.85 13.69 -16.38
CA ALA B 244 -6.63 12.52 -16.85
C ALA B 244 -6.62 11.47 -15.73
N ASN B 245 -7.60 10.58 -15.76
CA ASN B 245 -7.83 9.61 -14.67
C ASN B 245 -8.17 8.24 -15.25
N PHE B 246 -7.82 7.20 -14.51
CA PHE B 246 -8.41 5.84 -14.61
C PHE B 246 -9.58 5.79 -13.64
N SER B 247 -10.80 5.66 -14.15
CA SER B 247 -12.01 5.37 -13.34
C SER B 247 -12.17 3.84 -13.23
N VAL B 248 -12.19 3.30 -12.00
CA VAL B 248 -12.13 1.82 -11.75
C VAL B 248 -13.25 1.36 -10.81
N THR B 249 -14.13 2.26 -10.34
CA THR B 249 -15.18 1.93 -9.33
C THR B 249 -16.32 1.16 -9.99
N GLY B 250 -16.69 1.53 -11.23
CA GLY B 250 -17.63 0.78 -12.07
C GLY B 250 -16.93 0.22 -13.29
N GLY B 251 -17.35 0.63 -14.49
CA GLY B 251 -16.65 0.31 -15.75
C GLY B 251 -15.23 0.84 -15.73
N LYS B 252 -14.33 0.26 -16.51
CA LYS B 252 -12.94 0.73 -16.64
C LYS B 252 -12.92 1.83 -17.71
N TRP B 253 -12.94 3.09 -17.28
CA TRP B 253 -12.96 4.28 -18.18
C TRP B 253 -11.64 5.04 -18.08
N ILE B 254 -11.38 5.89 -19.08
CA ILE B 254 -10.41 7.01 -19.03
C ILE B 254 -11.21 8.30 -18.97
N VAL B 255 -10.86 9.21 -18.06
CA VAL B 255 -11.59 10.51 -17.86
C VAL B 255 -10.60 11.66 -18.08
N SER B 256 -11.01 12.70 -18.81
CA SER B 256 -10.17 13.89 -19.05
C SER B 256 -11.05 15.12 -19.24
N GLY B 257 -10.55 16.27 -18.82
CA GLY B 257 -11.12 17.56 -19.23
C GLY B 257 -10.74 17.86 -20.67
N SER B 258 -11.20 18.99 -21.17
CA SER B 258 -11.06 19.38 -22.60
C SER B 258 -11.14 20.90 -22.70
N GLU B 259 -10.48 21.46 -23.71
CA GLU B 259 -10.47 22.92 -23.97
C GLU B 259 -11.75 23.37 -24.70
N ASP B 260 -12.68 22.44 -24.97
CA ASP B 260 -14.03 22.72 -25.52
C ASP B 260 -15.07 22.63 -24.38
N ASN B 261 -14.61 22.71 -23.12
CA ASN B 261 -15.46 22.92 -21.93
C ASN B 261 -16.23 21.66 -21.52
N LEU B 262 -15.83 20.48 -22.00
CA LEU B 262 -16.54 19.19 -21.74
C LEU B 262 -15.65 18.25 -20.94
N VAL B 263 -16.26 17.33 -20.19
CA VAL B 263 -15.56 16.15 -19.62
C VAL B 263 -15.74 15.01 -20.61
N TYR B 264 -14.64 14.42 -21.06
CA TYR B 264 -14.61 13.23 -21.94
C TYR B 264 -14.42 11.99 -21.08
N ILE B 265 -15.17 10.94 -21.41
CA ILE B 265 -15.02 9.59 -20.81
C ILE B 265 -14.90 8.60 -21.96
N TRP B 266 -13.81 7.85 -21.97
CA TRP B 266 -13.56 6.79 -22.97
C TRP B 266 -13.70 5.44 -22.29
N ASN B 267 -14.11 4.44 -23.07
CA ASN B 267 -13.88 3.03 -22.72
C ASN B 267 -12.37 2.80 -22.82
N LEU B 268 -11.73 2.30 -21.75
CA LEU B 268 -10.26 2.07 -21.71
C LEU B 268 -9.85 1.06 -22.80
N GLN B 269 -10.57 -0.04 -22.91
CA GLN B 269 -10.20 -1.16 -23.83
C GLN B 269 -10.53 -0.79 -25.29
N THR B 270 -11.72 -0.25 -25.57
CA THR B 270 -12.23 -0.02 -26.96
C THR B 270 -11.76 1.33 -27.51
N LYS B 271 -11.46 2.30 -26.63
CA LYS B 271 -11.02 3.67 -26.99
C LYS B 271 -12.20 4.51 -27.51
N GLU B 272 -13.43 4.00 -27.40
CA GLU B 272 -14.63 4.76 -27.84
C GLU B 272 -14.97 5.77 -26.75
N ILE B 273 -15.38 6.97 -27.16
CA ILE B 273 -16.01 7.96 -26.25
C ILE B 273 -17.33 7.33 -25.78
N VAL B 274 -17.54 7.20 -24.47
CA VAL B 274 -18.79 6.60 -23.93
C VAL B 274 -19.66 7.71 -23.32
N GLN B 275 -19.10 8.87 -22.99
CA GLN B 275 -19.90 10.02 -22.49
C GLN B 275 -19.11 11.33 -22.61
N LYS B 276 -19.83 12.45 -22.77
CA LYS B 276 -19.33 13.85 -22.81
C LYS B 276 -20.19 14.69 -21.84
N LEU B 277 -19.59 15.21 -20.77
CA LEU B 277 -20.32 15.88 -19.68
C LEU B 277 -20.34 17.38 -19.94
N GLN B 278 -21.53 17.89 -20.21
CA GLN B 278 -21.77 19.28 -20.65
C GLN B 278 -22.23 20.05 -19.42
N GLY B 279 -21.74 21.27 -19.26
CA GLY B 279 -22.12 22.15 -18.13
C GLY B 279 -21.16 23.31 -17.93
N HIS B 280 -19.84 23.05 -17.95
CA HIS B 280 -18.80 24.08 -17.69
C HIS B 280 -18.80 25.10 -18.83
N THR B 281 -18.38 26.33 -18.52
CA THR B 281 -18.34 27.52 -19.42
C THR B 281 -16.89 27.95 -19.67
N ASP B 282 -15.92 27.06 -19.42
CA ASP B 282 -14.51 27.30 -19.78
C ASP B 282 -13.79 25.95 -19.79
N VAL B 283 -12.52 25.96 -20.16
CA VAL B 283 -11.67 24.73 -20.22
C VAL B 283 -11.85 23.94 -18.92
N VAL B 284 -12.15 22.67 -19.04
CA VAL B 284 -12.12 21.74 -17.90
C VAL B 284 -10.66 21.30 -17.71
N ILE B 285 -9.99 21.89 -16.73
CA ILE B 285 -8.54 21.72 -16.50
C ILE B 285 -8.33 20.44 -15.67
N SER B 286 -9.27 20.11 -14.82
CA SER B 286 -9.05 19.05 -13.81
C SER B 286 -10.30 18.18 -13.68
N THR B 287 -10.08 16.88 -13.58
CA THR B 287 -11.13 15.88 -13.27
C THR B 287 -10.53 14.98 -12.19
N ALA B 288 -11.34 14.48 -11.28
CA ALA B 288 -10.90 13.47 -10.29
C ALA B 288 -11.99 12.43 -10.15
N CYS B 289 -11.59 11.20 -9.87
CA CYS B 289 -12.51 10.03 -9.69
C CYS B 289 -12.53 9.61 -8.21
N HIS B 290 -13.72 9.46 -7.63
CA HIS B 290 -13.90 9.07 -6.23
C HIS B 290 -13.29 7.69 -5.99
N PRO B 291 -12.68 7.44 -4.80
CA PRO B 291 -11.98 6.17 -4.58
C PRO B 291 -12.90 4.93 -4.46
N THR B 292 -14.19 5.09 -4.18
CA THR B 292 -15.12 3.93 -3.95
C THR B 292 -16.44 4.06 -4.70
N GLU B 293 -16.95 5.28 -4.92
CA GLU B 293 -18.24 5.54 -5.61
C GLU B 293 -17.97 5.97 -7.06
N ASN B 294 -18.97 5.80 -7.92
CA ASN B 294 -18.97 6.28 -9.33
C ASN B 294 -19.26 7.78 -9.27
N ILE B 295 -18.32 8.56 -8.72
CA ILE B 295 -18.40 10.04 -8.61
C ILE B 295 -17.18 10.66 -9.30
N ILE B 296 -17.43 11.66 -10.13
CA ILE B 296 -16.39 12.48 -10.80
C ILE B 296 -16.52 13.92 -10.30
N ALA B 297 -15.41 14.58 -9.99
CA ALA B 297 -15.33 16.04 -9.79
C ALA B 297 -14.65 16.63 -11.02
N SER B 298 -15.21 17.70 -11.55
CA SER B 298 -14.59 18.48 -12.65
C SER B 298 -14.42 19.95 -12.25
N ALA B 299 -13.41 20.65 -12.79
CA ALA B 299 -13.14 22.07 -12.46
C ALA B 299 -12.69 22.82 -13.72
N ALA B 300 -13.02 24.11 -13.79
CA ALA B 300 -12.85 24.96 -14.99
C ALA B 300 -12.07 26.27 -14.69
N LEU B 301 -11.55 26.89 -15.76
CA LEU B 301 -10.72 28.11 -15.71
C LEU B 301 -11.62 29.35 -15.55
N GLU B 302 -11.04 30.55 -15.71
CA GLU B 302 -11.48 31.81 -15.08
C GLU B 302 -12.85 32.30 -15.58
N ASN B 303 -13.34 31.88 -16.76
CA ASN B 303 -14.68 32.31 -17.24
C ASN B 303 -15.77 31.58 -16.41
N ASP B 304 -15.38 30.51 -15.72
CA ASP B 304 -16.30 29.58 -15.01
C ASP B 304 -15.97 29.61 -13.51
N LYS B 305 -14.79 29.08 -13.12
CA LYS B 305 -14.25 29.09 -11.73
C LYS B 305 -15.04 28.16 -10.81
N THR B 306 -15.88 27.27 -11.36
CA THR B 306 -16.69 26.34 -10.55
C THR B 306 -16.13 24.92 -10.65
N ILE B 307 -16.48 24.13 -9.66
CA ILE B 307 -16.27 22.66 -9.58
C ILE B 307 -17.65 22.03 -9.71
N LYS B 308 -17.77 20.97 -10.50
CA LYS B 308 -19.03 20.19 -10.64
C LYS B 308 -18.80 18.78 -10.15
N LEU B 309 -19.77 18.23 -9.41
CA LEU B 309 -19.78 16.82 -8.94
C LEU B 309 -20.82 16.03 -9.73
N TRP B 310 -20.44 14.86 -10.22
CA TRP B 310 -21.24 14.00 -11.14
C TRP B 310 -21.38 12.60 -10.53
N LYS B 311 -22.52 11.93 -10.77
CA LYS B 311 -22.80 10.56 -10.27
C LYS B 311 -23.33 9.65 -11.38
N SER B 312 -22.82 8.41 -11.41
CA SER B 312 -23.15 7.37 -12.41
C SER B 312 -23.56 6.08 -11.69
N ASP B 313 -24.36 5.24 -12.38
CA ASP B 313 -24.83 3.93 -11.87
C ASP B 313 -23.80 2.84 -12.19
N CYS B 314 -22.78 3.14 -13.00
CA CYS B 314 -21.66 2.20 -13.33
C CYS B 314 -20.46 2.99 -13.87
C10 OH1 C . -5.86 -19.14 16.06
C13 OH1 C . -4.91 -22.51 17.79
C15 OH1 C . -5.92 -24.70 17.75
C17 OH1 C . -4.16 -24.24 19.30
O01 OH1 C . 2.62 -19.93 13.02
C02 OH1 C . 1.84 -19.23 13.97
C03 OH1 C . 0.34 -19.22 13.63
C04 OH1 C . -0.26 -19.64 12.45
N05 OH1 C . -1.57 -19.45 12.58
C06 OH1 C . -1.82 -18.95 13.81
C07 OH1 C . -3.21 -18.58 14.36
C08 OH1 C . -4.35 -19.56 14.04
C09 OH1 C . -5.73 -19.07 14.54
N11 OH1 C . -5.89 -20.52 16.50
C12 OH1 C . -4.84 -21.07 17.29
C14 OH1 C . -5.82 -23.39 17.26
C16 OH1 C . -5.08 -25.12 18.77
C18 OH1 C . -4.07 -22.92 18.82
O19 OH1 C . -3.96 -20.38 17.65
N20 OH1 C . -0.64 -18.83 14.43
C10 OH1 D . -3.76 25.74 -15.46
C13 OH1 D . -0.53 25.99 -17.61
C15 OH1 D . 1.28 27.60 -17.51
C17 OH1 D . 1.16 26.02 -19.30
O01 OH1 D . 0.09 17.74 -13.60
C02 OH1 D . -0.97 18.35 -14.31
C03 OH1 D . -1.32 19.73 -13.78
C04 OH1 D . -0.92 20.35 -12.62
N05 OH1 D . -1.51 21.55 -12.59
C06 OH1 D . -2.26 21.70 -13.68
C07 OH1 D . -3.13 22.93 -14.08
C08 OH1 D . -2.54 24.29 -13.73
C09 OH1 D . -3.54 25.46 -13.99
N11 OH1 D . -2.54 26.20 -16.07
C12 OH1 D . -1.82 25.41 -17.03
C14 OH1 D . 0.12 27.07 -16.96
C16 OH1 D . 1.80 27.09 -18.68
C18 OH1 D . -0.02 25.47 -18.77
O19 OH1 D . -2.19 24.34 -17.41
N20 OH1 D . -2.13 20.59 -14.39
#